data_3BNJ
#
_entry.id   3BNJ
#
_cell.length_a   119.4
_cell.length_b   119.4
_cell.length_c   184.789
_cell.angle_alpha   90.00
_cell.angle_beta   90.00
_cell.angle_gamma   90.00
#
_symmetry.space_group_name_H-M   'I 41 2 2'
#
loop_
_entity.id
_entity.type
_entity.pdbx_description
1 polymer 'Cytochrome c-552'
2 non-polymer 'CALCIUM ION'
3 non-polymer 'SULFITE ION'
4 non-polymer 'SULFATE ION'
5 non-polymer 'YTTRIUM ION'
6 non-polymer 'ACETATE ION'
7 non-polymer 'PROTOPORPHYRIN IX CONTAINING FE'
8 water water
#
_entity_poly.entity_id   1
_entity_poly.type   'polypeptide(L)'
_entity_poly.pdbx_seq_one_letter_code
;SNINEREKERVALNKTAHSQGIEGKAMSEEWARYYPRQFDSWKKTKESDNITDMLKEKPALVVAWAGYPFSKDYNAPRGH
YYALQDNINTLRTGAPVDGKTGPLPSACWTCKSPDVPRIIEQDGELEYFTGKWAKYGDEIVNTIGCYNCHDDKSAELKSK
VPYLDRGLSAAGFKTFAESTHQEKRSLVCAQCHVEFYFKKTEWKDDKGVDKTAMVVTLPWSKGISTEQMEAYYDEINFAD
WTHGISKTPMLKAQHPDWELYKTGIHGQKGVSCADCHMPYTQEGAVKYSDHKVGNPLDNMDKSCMNCHRESEQKLKDIVK
QKFERKEFLQDIAFDNIGKAHLETGKAMELGATDAELKEIRTHIRHAQWRADMAIAGHGSFFHAPEEVLRLLASGNEEAQ
KARIKLVKVLAKYGAIDYVAPDFETKEKAQKLAKVDMEAFIAEKLKFKQTLEQEWKKQAIAKGRLNPESLKGVDEKSSYY
DKTKK
;
_entity_poly.pdbx_strand_id   A
#
loop_
_chem_comp.id
_chem_comp.type
_chem_comp.name
_chem_comp.formula
ACT non-polymer 'ACETATE ION' 'C2 H3 O2 -1'
CA non-polymer 'CALCIUM ION' 'Ca 2'
HEM non-polymer 'PROTOPORPHYRIN IX CONTAINING FE' 'C34 H32 Fe N4 O4'
SO3 non-polymer 'SULFITE ION' 'O3 S -2'
SO4 non-polymer 'SULFATE ION' 'O4 S -2'
Y1 non-polymer 'YTTRIUM ION' 'Y 2'
#
# COMPACT_ATOMS: atom_id res chain seq x y z
N LYS A 15 -8.27 -22.76 26.00
CA LYS A 15 -8.01 -21.41 26.60
C LYS A 15 -6.51 -21.17 26.75
N THR A 16 -6.12 -19.89 26.68
CA THR A 16 -4.72 -19.55 26.60
C THR A 16 -4.16 -19.28 27.99
N ALA A 17 -2.85 -19.03 28.04
CA ALA A 17 -2.16 -18.66 29.27
C ALA A 17 -2.32 -17.16 29.57
N HIS A 18 -3.07 -16.46 28.73
CA HIS A 18 -3.28 -15.01 28.87
C HIS A 18 -4.75 -14.70 28.67
N SER A 19 -5.60 -15.52 29.28
CA SER A 19 -7.04 -15.47 29.02
C SER A 19 -7.73 -14.18 29.45
N GLN A 20 -7.10 -13.42 30.33
CA GLN A 20 -7.67 -12.14 30.73
CA GLN A 20 -7.63 -12.13 30.77
C GLN A 20 -7.08 -10.97 29.94
N GLY A 21 -6.25 -11.31 28.96
CA GLY A 21 -5.65 -10.30 28.09
C GLY A 21 -4.21 -10.05 28.42
N ILE A 22 -3.57 -9.23 27.60
CA ILE A 22 -2.16 -8.96 27.75
C ILE A 22 -1.94 -7.49 28.04
N GLU A 23 -1.34 -7.19 29.17
CA GLU A 23 -0.96 -5.82 29.51
C GLU A 23 0.13 -5.38 28.52
N GLY A 24 -0.08 -4.24 27.87
CA GLY A 24 0.87 -3.78 26.85
C GLY A 24 0.75 -4.52 25.53
N LYS A 25 -0.43 -5.07 25.28
CA LYS A 25 -0.74 -5.89 24.10
C LYS A 25 -0.28 -5.32 22.75
N ALA A 26 -0.27 -4.01 22.60
CA ALA A 26 0.15 -3.46 21.31
C ALA A 26 1.63 -3.69 21.06
N MET A 27 2.41 -3.93 22.12
CA MET A 27 3.82 -4.20 21.97
C MET A 27 4.00 -5.70 21.82
N SER A 28 4.44 -6.12 20.64
CA SER A 28 4.50 -7.55 20.33
C SER A 28 5.42 -8.25 21.31
N GLU A 29 6.39 -7.52 21.85
CA GLU A 29 7.31 -8.13 22.81
C GLU A 29 6.61 -8.70 24.03
N GLU A 30 5.42 -8.17 24.32
CA GLU A 30 4.59 -8.63 25.43
C GLU A 30 4.01 -10.02 25.19
N TRP A 31 4.00 -10.44 23.94
CA TRP A 31 3.40 -11.73 23.59
C TRP A 31 4.45 -12.81 23.62
N ALA A 32 5.72 -12.40 23.65
CA ALA A 32 6.84 -13.33 23.55
C ALA A 32 6.85 -14.36 24.66
N ARG A 33 6.36 -13.99 25.83
CA ARG A 33 6.41 -14.90 26.96
C ARG A 33 5.48 -16.09 26.73
N TYR A 34 4.45 -15.89 25.92
CA TYR A 34 3.48 -16.95 25.64
C TYR A 34 3.80 -17.71 24.39
N TYR A 35 4.34 -17.01 23.40
CA TYR A 35 4.51 -17.55 22.06
C TYR A 35 5.90 -17.26 21.56
N PRO A 36 6.94 -17.81 22.21
CA PRO A 36 8.30 -17.45 21.81
C PRO A 36 8.62 -17.82 20.35
N ARG A 37 8.01 -18.90 19.84
CA ARG A 37 8.34 -19.37 18.50
C ARG A 37 7.80 -18.41 17.43
N GLN A 38 6.52 -18.08 17.54
CA GLN A 38 5.90 -17.12 16.61
C GLN A 38 6.52 -15.74 16.76
N PHE A 39 6.85 -15.35 17.98
CA PHE A 39 7.54 -14.08 18.15
C PHE A 39 8.89 -14.08 17.40
N ASP A 40 9.65 -15.16 17.53
CA ASP A 40 10.95 -15.24 16.91
C ASP A 40 10.85 -15.15 15.39
N SER A 41 9.90 -15.88 14.82
CA SER A 41 9.77 -15.87 13.36
C SER A 41 9.20 -14.53 12.88
N TRP A 42 8.25 -14.00 13.62
CA TRP A 42 7.71 -12.67 13.32
C TRP A 42 8.81 -11.62 13.25
N LYS A 43 9.76 -11.66 14.18
CA LYS A 43 10.83 -10.66 14.20
C LYS A 43 11.76 -10.79 13.01
N LYS A 44 11.79 -11.97 12.39
CA LYS A 44 12.72 -12.21 11.32
C LYS A 44 12.37 -11.48 10.02
N THR A 45 11.21 -10.81 9.96
CA THR A 45 10.99 -9.99 8.76
C THR A 45 11.99 -8.83 8.72
N LYS A 46 12.72 -8.61 9.81
CA LYS A 46 13.86 -7.70 9.82
C LYS A 46 14.85 -8.06 8.72
N GLU A 47 14.87 -9.34 8.34
CA GLU A 47 15.80 -9.81 7.31
C GLU A 47 15.53 -9.24 5.93
N SER A 48 14.28 -8.89 5.70
CA SER A 48 13.86 -8.34 4.42
CA SER A 48 13.89 -8.34 4.42
C SER A 48 13.99 -6.82 4.49
N ASP A 49 15.20 -6.32 4.31
CA ASP A 49 15.48 -4.92 4.53
C ASP A 49 15.74 -4.12 3.26
N ASN A 50 15.62 -4.75 2.10
CA ASN A 50 15.96 -4.08 0.85
CA ASN A 50 15.98 -4.08 0.84
C ASN A 50 15.01 -2.95 0.50
N ILE A 51 15.58 -1.81 0.15
CA ILE A 51 14.79 -0.69 -0.36
C ILE A 51 14.99 -0.70 -1.88
N THR A 52 13.94 -1.05 -2.59
CA THR A 52 13.95 -0.94 -4.05
C THR A 52 13.13 0.29 -4.40
N ASP A 53 13.80 1.28 -4.94
CA ASP A 53 13.18 2.53 -5.28
C ASP A 53 12.45 2.32 -6.60
N MET A 54 11.13 2.27 -6.55
CA MET A 54 10.36 1.93 -7.75
C MET A 54 10.29 3.08 -8.74
N LEU A 55 10.48 4.31 -8.27
CA LEU A 55 10.56 5.44 -9.18
C LEU A 55 11.85 5.42 -9.98
N LYS A 56 12.91 4.88 -9.38
CA LYS A 56 14.17 4.70 -10.08
C LYS A 56 14.02 3.57 -11.09
N GLU A 57 13.35 2.49 -10.68
CA GLU A 57 13.20 1.34 -11.57
CA GLU A 57 13.16 1.32 -11.56
C GLU A 57 12.20 1.62 -12.69
N LYS A 58 11.13 2.35 -12.38
CA LYS A 58 10.04 2.59 -13.31
C LYS A 58 9.73 4.07 -13.31
N PRO A 59 10.60 4.87 -13.94
CA PRO A 59 10.39 6.31 -13.87
C PRO A 59 9.09 6.77 -14.52
N ALA A 60 8.51 5.94 -15.37
CA ALA A 60 7.20 6.29 -15.92
C ALA A 60 6.19 6.52 -14.82
N LEU A 61 6.38 5.85 -13.69
CA LEU A 61 5.45 6.02 -12.57
C LEU A 61 5.47 7.46 -12.04
N VAL A 62 6.63 8.13 -12.14
CA VAL A 62 6.71 9.50 -11.67
C VAL A 62 5.79 10.37 -12.51
N VAL A 63 5.81 10.16 -13.83
CA VAL A 63 4.90 10.91 -14.69
C VAL A 63 3.44 10.55 -14.40
N ALA A 64 3.17 9.27 -14.21
CA ALA A 64 1.81 8.81 -13.88
C ALA A 64 1.32 9.51 -12.62
N TRP A 65 2.22 9.70 -11.66
CA TRP A 65 1.80 10.21 -10.36
C TRP A 65 2.16 11.67 -10.14
N ALA A 66 2.44 12.40 -11.21
CA ALA A 66 2.71 13.82 -11.08
C ALA A 66 1.56 14.49 -10.39
N GLY A 67 1.89 15.29 -9.38
CA GLY A 67 0.86 15.95 -8.60
C GLY A 67 0.46 15.17 -7.36
N TYR A 68 1.05 14.00 -7.16
CA TYR A 68 0.66 13.11 -6.09
C TYR A 68 1.92 12.69 -5.33
N PRO A 69 1.80 12.41 -4.03
CA PRO A 69 3.03 12.14 -3.29
C PRO A 69 3.87 10.98 -3.78
N PHE A 70 3.25 10.02 -4.46
CA PHE A 70 4.00 8.88 -4.96
C PHE A 70 5.01 9.28 -6.02
N SER A 71 4.91 10.49 -6.57
CA SER A 71 5.91 10.95 -7.51
C SER A 71 7.19 11.40 -6.80
N LYS A 72 7.12 11.50 -5.47
CA LYS A 72 8.28 11.87 -4.63
C LYS A 72 9.04 10.65 -4.18
N ASP A 73 8.32 9.63 -3.72
CA ASP A 73 8.98 8.50 -3.08
C ASP A 73 8.00 7.35 -3.14
N TYR A 74 8.47 6.24 -3.71
CA TYR A 74 7.65 5.04 -3.81
C TYR A 74 8.60 3.90 -3.94
N ASN A 75 8.65 3.07 -2.90
CA ASN A 75 9.55 1.94 -2.86
C ASN A 75 8.74 0.67 -2.81
N ALA A 76 9.37 -0.43 -3.18
CA ALA A 76 8.75 -1.74 -3.04
C ALA A 76 8.59 -2.08 -1.56
N PRO A 77 7.66 -2.99 -1.25
CA PRO A 77 7.50 -3.37 0.15
C PRO A 77 8.73 -4.10 0.62
N ARG A 78 8.98 -4.01 1.92
CA ARG A 78 9.97 -4.89 2.54
C ARG A 78 9.33 -5.43 3.80
N GLY A 79 10.13 -5.95 4.72
CA GLY A 79 9.57 -6.71 5.81
C GLY A 79 8.67 -5.90 6.70
N HIS A 80 7.69 -6.59 7.29
CA HIS A 80 6.79 -5.94 8.23
C HIS A 80 7.52 -5.20 9.34
N TYR A 81 8.69 -5.70 9.72
CA TYR A 81 9.56 -5.07 10.72
C TYR A 81 9.79 -3.60 10.45
N TYR A 82 9.75 -3.22 9.17
CA TYR A 82 10.09 -1.87 8.78
C TYR A 82 8.89 -1.01 8.48
N ALA A 83 7.69 -1.56 8.64
CA ALA A 83 6.51 -0.87 8.14
C ALA A 83 6.35 0.51 8.79
N LEU A 84 6.44 0.57 10.10
CA LEU A 84 6.23 1.82 10.79
C LEU A 84 7.34 2.79 10.41
N GLN A 85 8.58 2.32 10.39
CA GLN A 85 9.67 3.23 10.09
C GLN A 85 9.61 3.72 8.65
N ASP A 86 9.17 2.87 7.74
CA ASP A 86 9.07 3.28 6.34
C ASP A 86 7.98 4.31 6.15
N ASN A 87 6.92 4.17 6.93
CA ASN A 87 5.86 5.16 6.97
C ASN A 87 6.42 6.51 7.43
N ILE A 88 7.33 6.49 8.41
CA ILE A 88 7.96 7.71 8.89
C ILE A 88 8.95 8.25 7.87
N ASN A 89 9.68 7.35 7.23
CA ASN A 89 10.79 7.78 6.38
C ASN A 89 10.35 8.26 5.01
N THR A 90 9.27 7.71 4.50
CA THR A 90 8.90 8.05 3.13
C THR A 90 8.76 9.56 2.98
N LEU A 91 9.19 10.06 1.83
CA LEU A 91 9.02 11.48 1.60
C LEU A 91 7.54 11.81 1.55
N ARG A 92 6.69 10.80 1.34
CA ARG A 92 5.26 11.09 1.23
C ARG A 92 4.69 11.72 2.49
N THR A 93 5.17 11.30 3.66
CA THR A 93 4.67 11.88 4.91
C THR A 93 5.33 13.23 5.23
N GLY A 94 6.32 13.63 4.43
CA GLY A 94 6.88 14.97 4.59
C GLY A 94 7.51 15.24 5.93
N ALA A 95 7.44 16.50 6.33
CA ALA A 95 8.25 16.94 7.43
C ALA A 95 7.42 17.79 8.36
N PRO A 96 6.56 17.16 9.16
CA PRO A 96 5.80 17.89 10.16
C PRO A 96 6.75 18.56 11.14
N VAL A 97 6.30 19.67 11.72
CA VAL A 97 7.05 20.33 12.81
C VAL A 97 6.35 20.15 14.15
N ASP A 98 5.12 19.65 14.10
CA ASP A 98 4.31 19.43 15.29
C ASP A 98 3.16 18.52 14.90
N GLY A 99 2.23 18.31 15.82
CA GLY A 99 1.10 17.42 15.59
C GLY A 99 0.04 17.92 14.62
N LYS A 100 0.18 19.16 14.17
CA LYS A 100 -0.83 19.82 13.34
C LYS A 100 -0.33 20.10 11.94
N THR A 101 0.86 19.62 11.63
CA THR A 101 1.48 19.93 10.34
C THR A 101 1.84 18.66 9.58
N GLY A 102 2.47 18.83 8.42
CA GLY A 102 2.76 17.72 7.53
C GLY A 102 1.64 17.52 6.52
N PRO A 103 1.98 16.92 5.38
CA PRO A 103 1.02 16.79 4.29
C PRO A 103 -0.12 15.79 4.48
N LEU A 104 0.12 14.72 5.23
CA LEU A 104 -0.80 13.58 5.20
C LEU A 104 -1.57 13.42 6.50
N PRO A 105 -2.72 12.74 6.43
CA PRO A 105 -3.59 12.57 7.57
C PRO A 105 -3.28 11.36 8.44
N SER A 106 -3.99 11.28 9.56
CA SER A 106 -3.74 10.24 10.53
C SER A 106 -3.97 8.85 9.95
N ALA A 107 -4.80 8.75 8.92
CA ALA A 107 -5.07 7.44 8.30
C ALA A 107 -3.82 6.76 7.80
N CYS A 108 -2.75 7.51 7.58
CA CYS A 108 -1.53 6.89 7.11
C CYS A 108 -0.86 5.94 8.09
N TRP A 109 -1.23 5.98 9.37
CA TRP A 109 -0.69 4.99 10.30
C TRP A 109 -1.39 3.65 10.23
N THR A 110 -2.58 3.61 9.62
CA THR A 110 -3.58 2.59 9.90
C THR A 110 -3.08 1.18 9.69
N CYS A 111 -2.27 1.00 8.66
CA CYS A 111 -1.85 -0.33 8.27
C CYS A 111 -0.39 -0.56 8.57
N LYS A 112 0.10 0.13 9.61
CA LYS A 112 1.52 0.06 9.91
C LYS A 112 1.83 -0.39 11.32
N SER A 113 0.80 -0.56 12.17
CA SER A 113 1.08 -0.61 13.61
C SER A 113 -0.04 -1.23 14.42
N PRO A 114 0.32 -2.02 15.44
CA PRO A 114 -0.69 -2.51 16.36
C PRO A 114 -1.16 -1.43 17.32
N ASP A 115 -0.50 -0.28 17.34
CA ASP A 115 -0.99 0.84 18.12
C ASP A 115 -2.23 1.42 17.51
N VAL A 116 -2.47 1.11 16.23
CA VAL A 116 -3.68 1.59 15.58
C VAL A 116 -4.96 1.03 16.22
N PRO A 117 -5.12 -0.31 16.27
CA PRO A 117 -6.32 -0.76 16.99
C PRO A 117 -6.33 -0.32 18.45
N ARG A 118 -5.16 -0.24 19.09
CA ARG A 118 -5.11 0.30 20.45
C ARG A 118 -5.76 1.68 20.53
N ILE A 119 -5.37 2.57 19.61
CA ILE A 119 -5.87 3.95 19.60
CA ILE A 119 -5.89 3.93 19.63
C ILE A 119 -7.35 4.00 19.18
N ILE A 120 -7.72 3.21 18.19
CA ILE A 120 -9.13 3.15 17.78
C ILE A 120 -10.01 2.68 18.94
N GLU A 121 -9.56 1.66 19.66
CA GLU A 121 -10.33 1.08 20.76
C GLU A 121 -10.46 2.05 21.92
N GLN A 122 -9.58 3.05 21.95
CA GLN A 122 -9.52 4.07 23.00
C GLN A 122 -10.10 5.45 22.60
N ASP A 123 -9.70 5.97 21.44
CA ASP A 123 -10.14 7.28 20.92
C ASP A 123 -11.47 7.14 20.17
N GLY A 124 -11.73 5.94 19.63
CA GLY A 124 -12.82 5.73 18.68
C GLY A 124 -12.29 5.89 17.25
N GLU A 125 -12.95 5.23 16.32
CA GLU A 125 -12.54 5.25 14.90
C GLU A 125 -12.51 6.66 14.31
N LEU A 126 -13.58 7.42 14.51
CA LEU A 126 -13.65 8.75 13.90
C LEU A 126 -12.56 9.68 14.42
N GLU A 127 -12.36 9.67 15.75
CA GLU A 127 -11.28 10.46 16.34
C GLU A 127 -9.92 10.02 15.78
N TYR A 128 -9.73 8.70 15.71
CA TYR A 128 -8.47 8.19 15.18
C TYR A 128 -8.23 8.76 13.77
N PHE A 129 -9.30 8.81 12.98
CA PHE A 129 -9.20 9.28 11.60
C PHE A 129 -9.25 10.79 11.43
N THR A 130 -9.20 11.52 12.55
CA THR A 130 -9.22 12.96 12.52
C THR A 130 -7.83 13.50 12.81
N GLY A 131 -7.40 14.44 11.98
CA GLY A 131 -6.15 15.13 12.20
C GLY A 131 -5.05 14.63 11.31
N LYS A 132 -3.87 15.16 11.55
CA LYS A 132 -2.70 14.90 10.73
C LYS A 132 -2.03 13.60 11.14
N TRP A 133 -1.30 13.01 10.22
CA TRP A 133 -0.40 11.92 10.55
C TRP A 133 0.42 12.27 11.79
N ALA A 134 0.96 13.48 11.85
CA ALA A 134 1.82 13.87 12.96
C ALA A 134 1.14 13.83 14.33
N LYS A 135 -0.19 13.83 14.33
CA LYS A 135 -0.96 13.78 15.58
C LYS A 135 -0.54 12.64 16.50
N TYR A 136 -0.23 11.50 15.89
CA TYR A 136 0.04 10.29 16.65
C TYR A 136 1.49 9.85 16.64
N GLY A 137 2.39 10.73 16.27
CA GLY A 137 3.79 10.36 16.18
C GLY A 137 4.39 9.75 17.43
N ASP A 138 3.94 10.17 18.60
CA ASP A 138 4.51 9.60 19.82
C ASP A 138 3.64 8.52 20.46
N GLU A 139 2.62 8.09 19.72
CA GLU A 139 1.73 7.02 20.20
C GLU A 139 1.80 5.80 19.30
N ILE A 140 1.91 6.02 18.00
CA ILE A 140 1.90 4.92 17.05
C ILE A 140 3.34 4.62 16.69
N VAL A 141 3.90 3.67 17.44
CA VAL A 141 5.35 3.54 17.50
C VAL A 141 5.83 2.10 17.38
N ASN A 142 4.88 1.17 17.36
CA ASN A 142 5.23 -0.24 17.16
C ASN A 142 4.87 -0.60 15.76
N THR A 143 5.64 -1.49 15.17
CA THR A 143 5.32 -1.93 13.82
C THR A 143 4.43 -3.16 13.84
N ILE A 144 3.85 -3.47 12.68
CA ILE A 144 2.93 -4.58 12.46
C ILE A 144 3.19 -5.71 13.43
N GLY A 145 2.19 -5.99 14.26
CA GLY A 145 2.46 -6.83 15.42
C GLY A 145 1.38 -7.84 15.69
N CYS A 146 1.61 -8.65 16.71
CA CYS A 146 0.66 -9.72 17.05
C CYS A 146 -0.74 -9.19 17.17
N TYR A 147 -0.85 -8.01 17.77
CA TYR A 147 -2.13 -7.44 18.06
C TYR A 147 -2.86 -6.95 16.81
N ASN A 148 -2.16 -6.82 15.69
CA ASN A 148 -2.87 -6.54 14.45
C ASN A 148 -3.69 -7.70 13.94
N CYS A 149 -3.36 -8.92 14.38
CA CYS A 149 -4.02 -10.09 13.82
C CYS A 149 -4.64 -11.02 14.83
N HIS A 150 -4.29 -10.86 16.10
CA HIS A 150 -4.72 -11.78 17.14
C HIS A 150 -5.46 -11.12 18.28
N ASP A 151 -6.46 -11.84 18.79
CA ASP A 151 -7.14 -11.43 20.00
C ASP A 151 -6.20 -11.66 21.16
N ASP A 152 -6.06 -10.67 22.05
CA ASP A 152 -5.09 -10.81 23.13
C ASP A 152 -5.55 -11.67 24.31
N LYS A 153 -6.78 -12.18 24.24
CA LYS A 153 -7.26 -13.14 25.24
C LYS A 153 -7.26 -14.56 24.70
N SER A 154 -7.80 -14.73 23.50
CA SER A 154 -7.98 -16.06 22.95
C SER A 154 -6.90 -16.43 21.94
N ALA A 155 -6.13 -15.44 21.49
CA ALA A 155 -5.15 -15.61 20.43
C ALA A 155 -5.76 -15.97 19.07
N GLU A 156 -7.09 -15.96 18.97
CA GLU A 156 -7.71 -16.26 17.69
C GLU A 156 -7.42 -15.15 16.68
N LEU A 157 -7.43 -15.52 15.41
CA LEU A 157 -7.33 -14.51 14.35
C LEU A 157 -8.49 -13.53 14.46
N LYS A 158 -8.19 -12.25 14.31
CA LYS A 158 -9.19 -11.21 14.31
C LYS A 158 -8.77 -10.13 13.33
N SER A 159 -9.75 -9.54 12.67
CA SER A 159 -9.56 -8.26 12.03
C SER A 159 -9.77 -7.18 13.08
N LYS A 160 -8.83 -6.24 13.14
CA LYS A 160 -8.82 -5.23 14.18
C LYS A 160 -9.26 -3.87 13.67
N VAL A 161 -9.58 -3.81 12.38
CA VAL A 161 -9.94 -2.55 11.74
C VAL A 161 -11.36 -2.62 11.20
N PRO A 162 -12.20 -1.64 11.58
CA PRO A 162 -13.61 -1.72 11.20
C PRO A 162 -13.91 -1.64 9.70
N TYR A 163 -13.04 -1.01 8.91
CA TYR A 163 -13.35 -0.83 7.50
C TYR A 163 -13.33 -2.13 6.69
N LEU A 164 -12.65 -3.16 7.18
CA LEU A 164 -12.61 -4.40 6.43
C LEU A 164 -13.99 -5.05 6.38
N ASP A 165 -14.59 -5.28 7.54
CA ASP A 165 -15.95 -5.85 7.56
C ASP A 165 -16.91 -4.97 6.76
N ARG A 166 -16.77 -3.65 6.89
CA ARG A 166 -17.60 -2.69 6.17
C ARG A 166 -17.48 -2.96 4.68
N GLY A 167 -16.26 -3.14 4.20
CA GLY A 167 -16.05 -3.43 2.79
C GLY A 167 -16.57 -4.80 2.39
N LEU A 168 -16.29 -5.80 3.22
CA LEU A 168 -16.76 -7.14 2.95
C LEU A 168 -18.27 -7.19 2.80
N SER A 169 -18.97 -6.58 3.76
CA SER A 169 -20.43 -6.52 3.72
C SER A 169 -20.93 -5.75 2.50
N ALA A 170 -20.27 -4.64 2.18
CA ALA A 170 -20.65 -3.85 1.01
C ALA A 170 -20.54 -4.65 -0.28
N ALA A 171 -19.59 -5.57 -0.34
CA ALA A 171 -19.34 -6.40 -1.53
C ALA A 171 -20.16 -7.68 -1.51
N GLY A 172 -20.92 -7.86 -0.45
CA GLY A 172 -21.75 -9.05 -0.31
C GLY A 172 -21.01 -10.28 0.21
N PHE A 173 -19.79 -10.08 0.70
CA PHE A 173 -19.01 -11.17 1.31
C PHE A 173 -19.45 -11.33 2.76
N LYS A 174 -19.12 -12.47 3.35
CA LYS A 174 -19.28 -12.68 4.78
C LYS A 174 -18.32 -11.77 5.53
N THR A 175 -18.74 -11.29 6.69
CA THR A 175 -17.84 -10.56 7.58
C THR A 175 -16.75 -11.51 8.08
N PHE A 176 -15.73 -10.95 8.70
CA PHE A 176 -14.64 -11.75 9.26
C PHE A 176 -15.18 -12.85 10.18
N ALA A 177 -16.00 -12.46 11.15
CA ALA A 177 -16.56 -13.42 12.12
C ALA A 177 -17.39 -14.52 11.46
N GLU A 178 -18.06 -14.18 10.36
CA GLU A 178 -18.92 -15.14 9.64
C GLU A 178 -18.13 -16.05 8.72
N SER A 179 -16.85 -15.74 8.50
CA SER A 179 -16.04 -16.46 7.54
C SER A 179 -15.42 -17.72 8.11
N THR A 180 -15.02 -18.63 7.23
CA THR A 180 -14.36 -19.85 7.63
C THR A 180 -12.98 -19.52 8.17
N HIS A 181 -12.39 -20.46 8.89
CA HIS A 181 -11.02 -20.28 9.36
C HIS A 181 -10.08 -20.04 8.19
N GLN A 182 -10.23 -20.80 7.11
CA GLN A 182 -9.36 -20.66 5.95
C GLN A 182 -9.53 -19.28 5.31
N GLU A 183 -10.77 -18.78 5.28
CA GLU A 183 -11.01 -17.41 4.80
C GLU A 183 -10.33 -16.37 5.70
N LYS A 184 -10.40 -16.58 7.00
CA LYS A 184 -9.74 -15.69 7.96
C LYS A 184 -8.24 -15.64 7.75
N ARG A 185 -7.65 -16.75 7.30
CA ARG A 185 -6.23 -16.83 7.04
C ARG A 185 -5.81 -16.02 5.82
N SER A 186 -6.78 -15.46 5.12
CA SER A 186 -6.46 -14.40 4.14
C SER A 186 -6.96 -13.05 4.59
N LEU A 187 -8.11 -13.01 5.25
CA LEU A 187 -8.70 -11.75 5.68
C LEU A 187 -7.85 -10.99 6.69
N VAL A 188 -7.09 -11.69 7.52
CA VAL A 188 -6.22 -10.95 8.44
C VAL A 188 -5.25 -10.10 7.64
N CYS A 189 -4.83 -10.61 6.48
CA CYS A 189 -3.94 -9.82 5.61
C CYS A 189 -4.67 -8.68 4.93
N ALA A 190 -5.94 -8.93 4.60
CA ALA A 190 -6.77 -7.98 3.89
C ALA A 190 -7.14 -6.77 4.73
N GLN A 191 -6.82 -6.80 6.02
CA GLN A 191 -6.94 -5.58 6.79
C GLN A 191 -6.11 -4.47 6.17
N CYS A 192 -5.02 -4.87 5.51
CA CYS A 192 -4.03 -3.90 5.04
C CYS A 192 -3.77 -4.00 3.56
N HIS A 193 -3.75 -5.23 3.06
CA HIS A 193 -3.31 -5.53 1.72
C HIS A 193 -4.49 -5.46 0.76
N VAL A 194 -5.09 -4.29 0.72
CA VAL A 194 -6.27 -4.01 -0.09
C VAL A 194 -6.18 -2.59 -0.64
N GLU A 195 -6.97 -2.33 -1.67
CA GLU A 195 -7.15 -0.99 -2.20
C GLU A 195 -8.14 -0.22 -1.33
N PHE A 196 -7.85 1.06 -1.16
CA PHE A 196 -8.62 1.90 -0.27
C PHE A 196 -8.62 3.32 -0.76
N TYR A 197 -9.51 4.12 -0.21
CA TYR A 197 -9.38 5.56 -0.35
C TYR A 197 -9.72 6.19 0.98
N PHE A 198 -9.56 7.50 1.07
CA PHE A 198 -9.94 8.20 2.29
C PHE A 198 -11.23 8.93 2.00
N LYS A 199 -12.27 8.61 2.76
CA LYS A 199 -13.56 9.26 2.64
C LYS A 199 -13.62 10.39 3.64
N LYS A 200 -13.77 11.62 3.14
CA LYS A 200 -13.92 12.77 4.01
C LYS A 200 -15.23 12.60 4.77
N THR A 201 -15.14 12.62 6.10
CA THR A 201 -16.27 12.26 6.91
C THR A 201 -16.47 13.29 8.00
N GLU A 202 -17.59 14.00 7.92
CA GLU A 202 -17.95 15.01 8.90
C GLU A 202 -18.58 14.30 10.08
N TRP A 203 -18.20 14.71 11.28
CA TRP A 203 -18.75 14.15 12.50
C TRP A 203 -18.65 15.16 13.65
N LYS A 204 -19.30 14.83 14.75
CA LYS A 204 -19.27 15.64 15.96
C LYS A 204 -18.88 14.76 17.13
N ASP A 205 -17.93 15.20 17.94
CA ASP A 205 -17.40 14.36 19.02
C ASP A 205 -18.26 14.39 20.29
N ASP A 206 -17.74 13.80 21.37
CA ASP A 206 -18.43 13.75 22.67
C ASP A 206 -18.62 15.12 23.31
N LYS A 207 -17.85 16.11 22.84
CA LYS A 207 -17.94 17.47 23.35
C LYS A 207 -18.71 18.39 22.38
N GLY A 208 -19.35 17.77 21.40
CA GLY A 208 -20.13 18.50 20.40
C GLY A 208 -19.32 19.32 19.41
N VAL A 209 -18.00 19.09 19.38
CA VAL A 209 -17.13 19.79 18.44
C VAL A 209 -17.24 19.15 17.05
N ASP A 210 -17.47 19.99 16.03
CA ASP A 210 -17.49 19.54 14.65
C ASP A 210 -16.08 19.21 14.19
N LYS A 211 -15.90 17.99 13.69
CA LYS A 211 -14.60 17.55 13.21
C LYS A 211 -14.71 16.88 11.84
N THR A 212 -13.58 16.77 11.16
CA THR A 212 -13.53 16.12 9.87
C THR A 212 -12.55 14.97 9.97
N ALA A 213 -13.05 13.77 9.69
CA ALA A 213 -12.20 12.58 9.63
C ALA A 213 -11.90 12.22 8.18
N MET A 214 -10.76 11.61 7.94
CA MET A 214 -10.45 11.07 6.63
C MET A 214 -10.36 9.57 6.86
N VAL A 215 -11.42 8.87 6.46
CA VAL A 215 -11.64 7.51 6.90
C VAL A 215 -11.26 6.49 5.83
N VAL A 216 -10.42 5.55 6.21
CA VAL A 216 -10.05 4.47 5.30
C VAL A 216 -11.31 3.71 4.89
N THR A 217 -11.52 3.61 3.59
CA THR A 217 -12.73 3.03 3.06
C THR A 217 -12.35 2.15 1.90
N LEU A 218 -12.91 0.95 1.85
CA LEU A 218 -12.67 0.02 0.76
C LEU A 218 -13.74 0.25 -0.27
N PRO A 219 -13.33 0.52 -1.51
CA PRO A 219 -14.31 0.92 -2.54
C PRO A 219 -15.01 -0.29 -3.16
N TRP A 220 -15.61 -1.11 -2.32
CA TRP A 220 -16.00 -2.45 -2.73
C TRP A 220 -17.51 -2.63 -2.90
N SER A 221 -18.26 -1.54 -2.81
CA SER A 221 -19.73 -1.66 -2.78
C SER A 221 -20.35 -2.14 -4.11
N LYS A 222 -19.59 -2.07 -5.19
CA LYS A 222 -20.03 -2.67 -6.45
C LYS A 222 -19.33 -3.98 -6.74
N GLY A 223 -18.52 -4.43 -5.79
CA GLY A 223 -17.72 -5.62 -5.97
C GLY A 223 -16.24 -5.29 -5.95
N ILE A 224 -15.42 -6.31 -6.07
CA ILE A 224 -13.98 -6.17 -5.88
C ILE A 224 -13.17 -6.26 -7.18
N SER A 225 -13.84 -6.29 -8.34
CA SER A 225 -13.08 -6.20 -9.58
C SER A 225 -12.62 -4.77 -9.81
N THR A 226 -11.56 -4.64 -10.59
CA THR A 226 -11.06 -3.32 -10.95
C THR A 226 -12.13 -2.47 -11.61
N GLU A 227 -12.91 -3.09 -12.50
CA GLU A 227 -13.96 -2.38 -13.19
C GLU A 227 -15.11 -1.99 -12.29
N GLN A 228 -15.40 -2.83 -11.30
CA GLN A 228 -16.45 -2.50 -10.34
C GLN A 228 -16.00 -1.33 -9.49
N MET A 229 -14.74 -1.36 -9.06
CA MET A 229 -14.22 -0.26 -8.26
C MET A 229 -14.13 1.02 -9.09
N GLU A 230 -13.79 0.88 -10.37
CA GLU A 230 -13.78 2.02 -11.27
C GLU A 230 -15.16 2.64 -11.36
N ALA A 231 -16.17 1.79 -11.52
CA ALA A 231 -17.56 2.27 -11.56
C ALA A 231 -17.95 2.94 -10.24
N TYR A 232 -17.50 2.36 -9.12
CA TYR A 232 -17.74 2.92 -7.82
C TYR A 232 -17.19 4.34 -7.76
N TYR A 233 -15.91 4.48 -8.08
CA TYR A 233 -15.30 5.79 -7.99
C TYR A 233 -15.88 6.79 -8.99
N ASP A 234 -16.22 6.33 -10.18
CA ASP A 234 -16.81 7.23 -11.18
C ASP A 234 -18.18 7.71 -10.71
N GLU A 235 -18.93 6.81 -10.10
CA GLU A 235 -20.29 7.15 -9.66
C GLU A 235 -20.27 8.28 -8.65
N ILE A 236 -19.27 8.29 -7.78
CA ILE A 236 -19.15 9.32 -6.75
C ILE A 236 -18.22 10.45 -7.20
N ASN A 237 -17.80 10.42 -8.46
CA ASN A 237 -16.94 11.46 -9.04
C ASN A 237 -15.68 11.69 -8.23
N PHE A 238 -15.13 10.60 -7.73
CA PHE A 238 -14.00 10.70 -6.81
C PHE A 238 -12.69 10.82 -7.58
N ALA A 239 -11.79 11.62 -7.03
CA ALA A 239 -10.41 11.64 -7.54
C ALA A 239 -9.48 11.70 -6.33
N ASP A 240 -8.42 10.91 -6.37
CA ASP A 240 -7.37 11.04 -5.38
C ASP A 240 -6.55 12.30 -5.55
N TRP A 241 -6.36 12.71 -6.80
CA TRP A 241 -5.67 13.98 -7.06
C TRP A 241 -5.95 14.42 -8.48
N THR A 242 -5.66 15.68 -8.76
CA THR A 242 -5.75 16.22 -10.10
C THR A 242 -4.35 16.18 -10.68
N HIS A 243 -4.21 15.52 -11.81
CA HIS A 243 -2.89 15.23 -12.32
C HIS A 243 -2.10 16.51 -12.56
N GLY A 244 -0.84 16.52 -12.13
CA GLY A 244 -0.04 17.71 -12.19
C GLY A 244 0.34 18.13 -13.59
N ILE A 245 0.27 17.21 -14.54
CA ILE A 245 0.59 17.53 -15.92
C ILE A 245 -0.67 17.64 -16.75
N SER A 246 -1.54 16.62 -16.69
CA SER A 246 -2.67 16.58 -17.57
C SER A 246 -3.96 17.12 -16.97
N LYS A 247 -3.95 17.40 -15.67
CA LYS A 247 -5.12 17.88 -14.95
C LYS A 247 -6.26 16.87 -15.02
N THR A 248 -5.92 15.60 -15.20
CA THR A 248 -6.94 14.57 -15.21
C THR A 248 -7.36 14.27 -13.76
N PRO A 249 -8.66 14.01 -13.53
CA PRO A 249 -9.06 13.51 -12.19
C PRO A 249 -8.64 12.07 -12.03
N MET A 250 -7.61 11.86 -11.21
CA MET A 250 -6.95 10.58 -11.16
C MET A 250 -7.38 9.73 -10.00
N LEU A 251 -7.28 8.42 -10.20
CA LEU A 251 -7.44 7.46 -9.14
C LEU A 251 -6.13 6.74 -8.90
N LYS A 252 -5.79 6.61 -7.62
CA LYS A 252 -4.59 5.89 -7.20
C LYS A 252 -4.97 4.51 -6.72
N ALA A 253 -4.34 3.49 -7.30
CA ALA A 253 -4.52 2.13 -6.78
C ALA A 253 -3.50 1.92 -5.69
N GLN A 254 -3.91 1.29 -4.58
CA GLN A 254 -2.91 0.87 -3.62
C GLN A 254 -3.04 -0.61 -3.40
N HIS A 255 -1.96 -1.33 -3.66
CA HIS A 255 -1.82 -2.75 -3.32
C HIS A 255 -3.16 -3.46 -3.11
N PRO A 256 -3.90 -3.69 -4.20
CA PRO A 256 -5.14 -4.48 -4.14
C PRO A 256 -4.76 -5.96 -4.07
N ASP A 257 -3.95 -6.32 -3.08
CA ASP A 257 -3.39 -7.64 -3.09
C ASP A 257 -4.48 -8.68 -2.92
N TRP A 258 -5.35 -8.48 -1.94
CA TRP A 258 -6.42 -9.43 -1.69
C TRP A 258 -7.46 -9.44 -2.82
N GLU A 259 -7.85 -8.27 -3.27
CA GLU A 259 -8.86 -8.22 -4.33
C GLU A 259 -8.43 -8.97 -5.56
N LEU A 260 -7.19 -8.79 -5.99
CA LEU A 260 -6.72 -9.48 -7.16
C LEU A 260 -6.46 -10.95 -6.87
N TYR A 261 -5.91 -11.25 -5.70
CA TYR A 261 -5.72 -12.64 -5.31
C TYR A 261 -7.03 -13.44 -5.41
N LYS A 262 -8.16 -12.81 -5.10
CA LYS A 262 -9.49 -13.44 -5.30
C LYS A 262 -9.82 -13.76 -6.78
N THR A 263 -9.16 -13.11 -7.72
CA THR A 263 -9.46 -13.42 -9.12
C THR A 263 -8.55 -14.52 -9.65
N GLY A 264 -7.56 -14.90 -8.85
CA GLY A 264 -6.52 -15.77 -9.31
C GLY A 264 -6.91 -17.19 -9.01
N ILE A 265 -6.25 -18.12 -9.69
CA ILE A 265 -6.63 -19.50 -9.52
C ILE A 265 -6.40 -20.00 -8.09
N HIS A 266 -5.31 -19.58 -7.45
CA HIS A 266 -5.08 -20.04 -6.09
C HIS A 266 -6.21 -19.57 -5.15
N GLY A 267 -6.57 -18.29 -5.25
CA GLY A 267 -7.68 -17.71 -4.51
C GLY A 267 -8.97 -18.44 -4.80
N GLN A 268 -9.20 -18.76 -6.08
CA GLN A 268 -10.42 -19.46 -6.47
C GLN A 268 -10.48 -20.86 -5.86
N LYS A 269 -9.32 -21.50 -5.78
CA LYS A 269 -9.18 -22.83 -5.21
C LYS A 269 -9.16 -22.85 -3.68
N GLY A 270 -9.23 -21.68 -3.05
CA GLY A 270 -9.28 -21.58 -1.59
C GLY A 270 -7.94 -21.61 -0.86
N VAL A 271 -6.83 -21.45 -1.59
CA VAL A 271 -5.50 -21.36 -0.99
C VAL A 271 -5.43 -19.98 -0.36
N SER A 272 -5.10 -19.90 0.93
CA SER A 272 -5.09 -18.62 1.64
C SER A 272 -3.73 -17.95 1.53
N CYS A 273 -3.69 -16.64 1.80
CA CYS A 273 -2.40 -15.93 1.88
C CYS A 273 -1.46 -16.68 2.79
N ALA A 274 -1.98 -17.18 3.91
CA ALA A 274 -1.16 -17.81 4.93
C ALA A 274 -0.58 -19.13 4.45
N ASP A 275 -1.27 -19.81 3.54
CA ASP A 275 -0.72 -21.05 3.02
C ASP A 275 0.62 -20.86 2.35
N CYS A 276 0.78 -19.78 1.60
CA CYS A 276 2.04 -19.53 0.94
C CYS A 276 2.99 -18.69 1.74
N HIS A 277 2.45 -17.71 2.46
CA HIS A 277 3.29 -16.72 3.12
C HIS A 277 3.56 -17.04 4.57
N MET A 278 2.75 -17.91 5.16
CA MET A 278 2.97 -18.38 6.54
C MET A 278 2.83 -19.90 6.63
N PRO A 279 3.68 -20.62 5.89
CA PRO A 279 3.48 -22.08 5.83
C PRO A 279 3.67 -22.72 7.20
N TYR A 280 3.07 -23.89 7.37
CA TYR A 280 3.19 -24.67 8.59
C TYR A 280 4.47 -25.48 8.65
N THR A 281 4.99 -25.63 9.87
CA THR A 281 5.98 -26.64 10.18
C THR A 281 5.34 -27.57 11.21
N GLN A 282 5.31 -28.86 10.90
CA GLN A 282 4.78 -29.87 11.81
C GLN A 282 5.89 -30.46 12.65
N GLU A 283 5.75 -30.35 13.98
CA GLU A 283 6.70 -30.97 14.91
C GLU A 283 5.93 -31.85 15.89
N GLY A 284 5.82 -33.12 15.53
CA GLY A 284 5.01 -34.07 16.28
C GLY A 284 3.55 -33.67 16.27
N ALA A 285 3.00 -33.50 17.46
CA ALA A 285 1.61 -33.12 17.65
C ALA A 285 1.37 -31.62 17.47
N VAL A 286 2.45 -30.85 17.35
CA VAL A 286 2.38 -29.38 17.29
C VAL A 286 2.66 -28.85 15.88
N LYS A 287 1.78 -27.95 15.44
CA LYS A 287 1.92 -27.28 14.16
C LYS A 287 2.20 -25.80 14.42
N TYR A 288 3.20 -25.26 13.74
CA TYR A 288 3.59 -23.85 13.90
C TYR A 288 3.53 -23.14 12.57
N SER A 289 2.99 -21.93 12.57
CA SER A 289 2.97 -21.10 11.36
C SER A 289 4.22 -20.24 11.33
N ASP A 290 4.91 -20.25 10.20
CA ASP A 290 6.06 -19.38 10.01
C ASP A 290 5.54 -17.95 9.91
N HIS A 291 5.89 -17.13 10.89
CA HIS A 291 5.45 -15.74 10.93
C HIS A 291 6.43 -14.79 10.22
N LYS A 292 7.49 -15.33 9.62
CA LYS A 292 8.36 -14.51 8.80
C LYS A 292 7.70 -14.34 7.45
N VAL A 293 6.80 -13.37 7.39
CA VAL A 293 6.05 -13.10 6.17
C VAL A 293 7.03 -12.46 5.18
N GLY A 294 7.17 -13.09 4.02
CA GLY A 294 8.18 -12.64 3.07
C GLY A 294 7.89 -13.20 1.69
N ASN A 295 8.97 -13.53 0.99
CA ASN A 295 8.90 -14.06 -0.36
C ASN A 295 8.77 -15.57 -0.28
N PRO A 296 7.59 -16.13 -0.65
CA PRO A 296 7.41 -17.58 -0.53
C PRO A 296 8.40 -18.37 -1.37
N LEU A 297 8.98 -17.73 -2.38
CA LEU A 297 9.97 -18.39 -3.24
C LEU A 297 11.31 -18.64 -2.55
N ASP A 298 11.52 -17.97 -1.41
CA ASP A 298 12.68 -18.19 -0.55
C ASP A 298 12.54 -19.47 0.25
N ASN A 299 11.33 -20.03 0.29
CA ASN A 299 10.99 -21.13 1.18
C ASN A 299 10.03 -22.10 0.51
N MET A 300 10.39 -22.56 -0.68
CA MET A 300 9.45 -23.24 -1.55
C MET A 300 9.01 -24.62 -1.10
N ASP A 301 9.94 -25.36 -0.48
CA ASP A 301 9.59 -26.69 0.01
C ASP A 301 8.37 -26.59 0.93
N LYS A 302 8.33 -25.55 1.78
CA LYS A 302 7.21 -25.33 2.69
C LYS A 302 6.04 -24.58 2.05
N SER A 303 6.36 -23.64 1.17
CA SER A 303 5.34 -22.73 0.63
C SER A 303 4.58 -23.26 -0.57
N CYS A 304 5.24 -24.10 -1.38
CA CYS A 304 4.71 -24.55 -2.67
C CYS A 304 4.58 -26.05 -2.80
N MET A 305 5.57 -26.75 -2.26
CA MET A 305 5.78 -28.17 -2.60
C MET A 305 4.89 -29.18 -1.90
N ASN A 306 4.05 -28.69 -0.99
CA ASN A 306 3.00 -29.52 -0.40
C ASN A 306 1.84 -29.75 -1.37
N CYS A 307 1.80 -28.93 -2.43
CA CYS A 307 0.72 -29.02 -3.42
C CYS A 307 1.24 -29.23 -4.82
N HIS A 308 2.52 -28.94 -5.02
CA HIS A 308 3.12 -29.05 -6.35
C HIS A 308 4.23 -30.08 -6.39
N ARG A 309 4.24 -30.86 -7.47
CA ARG A 309 5.29 -31.84 -7.71
C ARG A 309 6.28 -31.19 -8.67
N GLU A 310 7.34 -31.90 -9.05
CA GLU A 310 8.46 -31.35 -9.84
C GLU A 310 9.20 -30.16 -9.19
N SER A 311 10.37 -29.85 -9.76
CA SER A 311 11.40 -29.06 -9.09
C SER A 311 11.00 -27.64 -8.67
N GLU A 312 11.75 -27.14 -7.69
CA GLU A 312 11.65 -25.76 -7.25
C GLU A 312 12.07 -24.84 -8.39
N GLN A 313 13.15 -25.21 -9.08
CA GLN A 313 13.67 -24.37 -10.15
C GLN A 313 12.66 -24.18 -11.29
N LYS A 314 11.95 -25.24 -11.67
CA LYS A 314 10.96 -25.15 -12.73
C LYS A 314 9.82 -24.21 -12.33
N LEU A 315 9.37 -24.34 -11.09
CA LEU A 315 8.30 -23.47 -10.58
C LEU A 315 8.78 -22.02 -10.50
N LYS A 316 10.01 -21.82 -10.02
CA LYS A 316 10.62 -20.49 -10.00
C LYS A 316 10.70 -19.90 -11.39
N ASP A 317 11.03 -20.74 -12.38
CA ASP A 317 11.14 -20.30 -13.77
C ASP A 317 9.78 -19.86 -14.30
N ILE A 318 8.73 -20.59 -13.95
CA ILE A 318 7.38 -20.24 -14.36
C ILE A 318 6.96 -18.90 -13.77
N VAL A 319 7.28 -18.68 -12.50
CA VAL A 319 6.96 -17.41 -11.88
C VAL A 319 7.73 -16.28 -12.57
N LYS A 320 8.99 -16.52 -12.90
CA LYS A 320 9.80 -15.51 -13.56
C LYS A 320 9.16 -15.14 -14.89
N GLN A 321 8.70 -16.13 -15.64
CA GLN A 321 8.03 -15.87 -16.93
C GLN A 321 6.83 -14.97 -16.71
N LYS A 322 6.06 -15.22 -15.65
CA LYS A 322 4.90 -14.40 -15.34
C LYS A 322 5.33 -12.98 -15.08
N PHE A 323 6.42 -12.83 -14.31
CA PHE A 323 6.93 -11.50 -14.02
C PHE A 323 7.31 -10.78 -15.30
N GLU A 324 7.99 -11.49 -16.19
CA GLU A 324 8.44 -10.89 -17.44
C GLU A 324 7.27 -10.47 -18.33
N ARG A 325 6.21 -11.25 -18.34
CA ARG A 325 5.04 -10.88 -19.15
C ARG A 325 4.40 -9.63 -18.61
N LYS A 326 4.27 -9.57 -17.29
CA LYS A 326 3.74 -8.40 -16.63
C LYS A 326 4.61 -7.18 -16.92
N GLU A 327 5.93 -7.32 -16.79
CA GLU A 327 6.83 -6.18 -17.04
C GLU A 327 6.67 -5.63 -18.43
N PHE A 328 6.55 -6.54 -19.40
CA PHE A 328 6.39 -6.20 -20.79
C PHE A 328 5.15 -5.32 -21.00
N LEU A 329 4.02 -5.77 -20.46
CA LEU A 329 2.80 -5.02 -20.63
C LEU A 329 2.75 -3.78 -19.76
N GLN A 330 3.39 -3.83 -18.60
CA GLN A 330 3.42 -2.68 -17.72
C GLN A 330 4.17 -1.55 -18.39
N ASP A 331 5.32 -1.86 -18.97
CA ASP A 331 6.14 -0.81 -19.58
C ASP A 331 5.42 -0.19 -20.77
N ILE A 332 4.74 -1.01 -21.55
CA ILE A 332 3.94 -0.46 -22.65
C ILE A 332 2.84 0.44 -22.12
N ALA A 333 2.06 -0.05 -21.16
CA ALA A 333 0.93 0.71 -20.69
C ALA A 333 1.37 2.03 -20.08
N PHE A 334 2.41 2.00 -19.27
CA PHE A 334 2.82 3.24 -18.59
C PHE A 334 3.58 4.19 -19.49
N ASP A 335 4.12 3.67 -20.57
CA ASP A 335 4.71 4.55 -21.57
C ASP A 335 3.62 5.33 -22.27
N ASN A 336 2.55 4.64 -22.65
CA ASN A 336 1.43 5.34 -23.29
C ASN A 336 0.69 6.23 -22.33
N ILE A 337 0.56 5.80 -21.08
CA ILE A 337 -0.05 6.65 -20.08
C ILE A 337 0.79 7.91 -19.90
N GLY A 338 2.11 7.76 -19.79
CA GLY A 338 2.97 8.94 -19.58
C GLY A 338 2.90 9.87 -20.74
N LYS A 339 2.96 9.32 -21.94
CA LYS A 339 2.83 10.14 -23.14
C LYS A 339 1.49 10.83 -23.18
N ALA A 340 0.42 10.13 -22.82
CA ALA A 340 -0.88 10.76 -22.83
C ALA A 340 -0.94 11.93 -21.86
N HIS A 341 -0.38 11.76 -20.65
CA HIS A 341 -0.36 12.89 -19.75
C HIS A 341 0.38 14.06 -20.34
N LEU A 342 1.55 13.78 -20.90
CA LEU A 342 2.41 14.85 -21.41
C LEU A 342 1.78 15.54 -22.63
N GLU A 343 1.18 14.75 -23.51
CA GLU A 343 0.49 15.31 -24.65
C GLU A 343 -0.69 16.14 -24.23
N THR A 344 -1.38 15.73 -23.17
CA THR A 344 -2.50 16.51 -22.67
C THR A 344 -1.98 17.83 -22.11
N GLY A 345 -0.86 17.78 -21.37
CA GLY A 345 -0.24 18.99 -20.84
C GLY A 345 0.14 19.93 -21.97
N LYS A 346 0.65 19.37 -23.07
CA LYS A 346 1.04 20.18 -24.21
C LYS A 346 -0.21 20.81 -24.83
N ALA A 347 -1.26 20.02 -24.98
CA ALA A 347 -2.50 20.54 -25.54
C ALA A 347 -3.02 21.68 -24.67
N MET A 348 -2.93 21.50 -23.36
CA MET A 348 -3.34 22.56 -22.44
C MET A 348 -2.52 23.82 -22.67
N GLU A 349 -1.21 23.65 -22.82
CA GLU A 349 -0.32 24.81 -23.00
C GLU A 349 -0.71 25.57 -24.26
N LEU A 350 -1.17 24.85 -25.29
CA LEU A 350 -1.56 25.47 -26.54
C LEU A 350 -2.94 26.10 -26.50
N GLY A 351 -3.69 25.82 -25.45
CA GLY A 351 -5.00 26.43 -25.25
C GLY A 351 -6.18 25.48 -25.36
N ALA A 352 -5.93 24.17 -25.42
CA ALA A 352 -7.05 23.24 -25.49
C ALA A 352 -7.94 23.39 -24.25
N THR A 353 -9.25 23.33 -24.45
CA THR A 353 -10.21 23.57 -23.40
C THR A 353 -10.49 22.29 -22.64
N ASP A 354 -10.98 22.45 -21.41
CA ASP A 354 -11.46 21.30 -20.65
C ASP A 354 -12.48 20.48 -21.42
N ALA A 355 -13.38 21.14 -22.15
CA ALA A 355 -14.37 20.41 -22.92
C ALA A 355 -13.71 19.55 -23.98
N GLU A 356 -12.69 20.10 -24.64
CA GLU A 356 -11.99 19.39 -25.71
C GLU A 356 -11.19 18.24 -25.16
N LEU A 357 -10.84 18.32 -23.88
CA LEU A 357 -9.99 17.30 -23.26
C LEU A 357 -10.74 16.32 -22.36
N LYS A 358 -12.04 16.50 -22.22
CA LYS A 358 -12.79 15.72 -21.26
C LYS A 358 -12.73 14.23 -21.53
N GLU A 359 -13.00 13.81 -22.77
CA GLU A 359 -13.01 12.40 -23.09
C GLU A 359 -11.60 11.82 -22.96
N ILE A 360 -10.62 12.58 -23.43
CA ILE A 360 -9.23 12.19 -23.28
C ILE A 360 -8.89 11.92 -21.81
N ARG A 361 -9.26 12.86 -20.95
CA ARG A 361 -8.98 12.72 -19.53
C ARG A 361 -9.67 11.53 -18.92
N THR A 362 -10.90 11.25 -19.35
CA THR A 362 -11.58 10.06 -18.83
C THR A 362 -10.82 8.82 -19.25
N HIS A 363 -10.38 8.77 -20.49
CA HIS A 363 -9.59 7.62 -20.94
C HIS A 363 -8.33 7.50 -20.11
N ILE A 364 -7.66 8.62 -19.82
CA ILE A 364 -6.41 8.55 -19.05
C ILE A 364 -6.69 8.07 -17.64
N ARG A 365 -7.75 8.59 -17.04
CA ARG A 365 -8.11 8.18 -15.68
C ARG A 365 -8.33 6.68 -15.62
N HIS A 366 -9.08 6.17 -16.58
CA HIS A 366 -9.37 4.74 -16.61
C HIS A 366 -8.16 3.92 -16.99
N ALA A 367 -7.37 4.40 -17.93
CA ALA A 367 -6.17 3.70 -18.32
C ALA A 367 -5.32 3.48 -17.10
N GLN A 368 -5.09 4.57 -16.37
CA GLN A 368 -4.14 4.48 -15.28
C GLN A 368 -4.72 3.76 -14.08
N TRP A 369 -6.01 3.90 -13.86
CA TRP A 369 -6.64 3.13 -12.80
C TRP A 369 -6.44 1.64 -13.05
N ARG A 370 -6.68 1.20 -14.28
CA ARG A 370 -6.57 -0.21 -14.58
C ARG A 370 -5.14 -0.69 -14.54
N ALA A 371 -4.23 0.10 -15.10
CA ALA A 371 -2.83 -0.30 -15.11
C ALA A 371 -2.25 -0.26 -13.68
N ASP A 372 -2.61 0.75 -12.90
CA ASP A 372 -2.13 0.85 -11.54
C ASP A 372 -2.68 -0.28 -10.72
N MET A 373 -3.97 -0.58 -10.88
CA MET A 373 -4.55 -1.73 -10.16
C MET A 373 -3.83 -3.02 -10.51
N ALA A 374 -3.37 -3.15 -11.75
CA ALA A 374 -2.63 -4.34 -12.16
C ALA A 374 -1.28 -4.47 -11.49
N ILE A 375 -0.59 -3.35 -11.29
CA ILE A 375 0.80 -3.38 -10.84
C ILE A 375 1.02 -2.98 -9.38
N ALA A 376 0.01 -2.37 -8.77
CA ALA A 376 0.18 -1.82 -7.42
C ALA A 376 0.31 -2.93 -6.40
N GLY A 377 -0.26 -4.10 -6.68
CA GLY A 377 -0.04 -5.28 -5.84
C GLY A 377 1.17 -5.98 -6.42
N HIS A 378 2.28 -5.99 -5.67
CA HIS A 378 3.53 -6.48 -6.19
C HIS A 378 3.58 -7.97 -6.40
N GLY A 379 2.62 -8.66 -5.82
CA GLY A 379 2.51 -10.09 -6.05
C GLY A 379 1.44 -10.46 -7.04
N SER A 380 0.69 -9.49 -7.53
CA SER A 380 -0.46 -9.83 -8.37
C SER A 380 -0.08 -10.53 -9.64
N PHE A 381 1.10 -10.22 -10.18
CA PHE A 381 1.56 -10.86 -11.40
C PHE A 381 1.59 -12.38 -11.22
N PHE A 382 1.71 -12.81 -9.96
CA PHE A 382 1.69 -14.21 -9.63
C PHE A 382 0.35 -14.62 -9.06
N HIS A 383 -0.25 -13.81 -8.18
CA HIS A 383 -1.50 -14.20 -7.54
C HIS A 383 -2.63 -14.32 -8.56
N ALA A 384 -2.60 -13.46 -9.56
CA ALA A 384 -3.69 -13.40 -10.55
C ALA A 384 -3.12 -12.98 -11.88
N PRO A 385 -2.28 -13.84 -12.47
CA PRO A 385 -1.51 -13.44 -13.64
C PRO A 385 -2.37 -13.01 -14.82
N GLU A 386 -3.41 -13.78 -15.11
CA GLU A 386 -4.26 -13.48 -16.26
C GLU A 386 -5.06 -12.22 -16.09
N GLU A 387 -5.55 -11.95 -14.88
CA GLU A 387 -6.24 -10.70 -14.63
C GLU A 387 -5.26 -9.54 -14.76
N VAL A 388 -4.04 -9.69 -14.24
CA VAL A 388 -3.04 -8.62 -14.36
C VAL A 388 -2.76 -8.30 -15.84
N LEU A 389 -2.55 -9.31 -16.66
CA LEU A 389 -2.29 -9.07 -18.08
C LEU A 389 -3.49 -8.42 -18.74
N ARG A 390 -4.68 -8.91 -18.43
CA ARG A 390 -5.89 -8.31 -19.02
C ARG A 390 -6.03 -6.85 -18.61
N LEU A 391 -5.73 -6.56 -17.35
CA LEU A 391 -5.85 -5.19 -16.86
C LEU A 391 -4.85 -4.28 -17.54
N LEU A 392 -3.62 -4.75 -17.70
CA LEU A 392 -2.61 -3.92 -18.36
C LEU A 392 -2.96 -3.70 -19.83
N ALA A 393 -3.54 -4.71 -20.46
CA ALA A 393 -3.97 -4.60 -21.85
C ALA A 393 -5.13 -3.62 -21.97
N SER A 394 -6.04 -3.70 -21.00
CA SER A 394 -7.22 -2.84 -20.99
C SER A 394 -6.81 -1.41 -20.73
N GLY A 395 -5.91 -1.22 -19.77
CA GLY A 395 -5.40 0.10 -19.43
C GLY A 395 -4.65 0.71 -20.61
N ASN A 396 -3.82 -0.09 -21.26
CA ASN A 396 -3.11 0.41 -22.43
C ASN A 396 -4.07 0.81 -23.54
N GLU A 397 -5.11 0.03 -23.74
CA GLU A 397 -6.08 0.37 -24.77
C GLU A 397 -6.71 1.72 -24.49
N GLU A 398 -7.09 1.96 -23.24
CA GLU A 398 -7.63 3.26 -22.87
C GLU A 398 -6.63 4.39 -23.11
N ALA A 399 -5.37 4.15 -22.78
CA ALA A 399 -4.35 5.18 -22.98
C ALA A 399 -4.17 5.46 -24.46
N GLN A 400 -4.19 4.42 -25.28
CA GLN A 400 -4.07 4.63 -26.71
C GLN A 400 -5.27 5.31 -27.32
N LYS A 401 -6.47 5.02 -26.82
CA LYS A 401 -7.64 5.77 -27.27
C LYS A 401 -7.45 7.25 -26.95
N ALA A 402 -6.94 7.54 -25.77
CA ALA A 402 -6.67 8.93 -25.42
C ALA A 402 -5.65 9.52 -26.38
N ARG A 403 -4.61 8.77 -26.71
CA ARG A 403 -3.54 9.32 -27.54
C ARG A 403 -3.99 9.57 -28.96
N ILE A 404 -4.83 8.69 -29.50
CA ILE A 404 -5.41 8.93 -30.83
C ILE A 404 -6.21 10.21 -30.82
N LYS A 405 -7.01 10.41 -29.78
CA LYS A 405 -7.80 11.64 -29.68
C LYS A 405 -6.89 12.85 -29.48
N LEU A 406 -5.79 12.65 -28.75
CA LEU A 406 -4.86 13.74 -28.50
C LEU A 406 -4.18 14.21 -29.78
N VAL A 407 -3.94 13.32 -30.74
CA VAL A 407 -3.28 13.76 -31.97
C VAL A 407 -4.15 14.81 -32.62
N LYS A 408 -5.45 14.59 -32.57
CA LYS A 408 -6.40 15.53 -33.21
C LYS A 408 -6.46 16.85 -32.48
N VAL A 409 -6.41 16.83 -31.15
CA VAL A 409 -6.41 18.07 -30.40
C VAL A 409 -5.10 18.81 -30.68
N LEU A 410 -3.98 18.09 -30.63
CA LEU A 410 -2.70 18.73 -30.94
C LEU A 410 -2.70 19.33 -32.33
N ALA A 411 -3.26 18.60 -33.29
CA ALA A 411 -3.31 19.10 -34.66
C ALA A 411 -4.15 20.37 -34.74
N LYS A 412 -5.26 20.40 -34.01
CA LYS A 412 -6.10 21.58 -34.01
C LYS A 412 -5.32 22.81 -33.57
N TYR A 413 -4.39 22.61 -32.65
CA TYR A 413 -3.59 23.69 -32.08
C TYR A 413 -2.20 23.82 -32.70
N GLY A 414 -2.02 23.18 -33.85
CA GLY A 414 -0.85 23.39 -34.67
C GLY A 414 0.38 22.64 -34.21
N ALA A 415 0.18 21.56 -33.45
CA ALA A 415 1.30 20.83 -32.88
C ALA A 415 1.21 19.34 -33.15
N ILE A 416 0.80 18.97 -34.35
CA ILE A 416 0.58 17.56 -34.64
C ILE A 416 1.87 16.76 -34.54
N ASP A 417 3.01 17.42 -34.77
CA ASP A 417 4.31 16.75 -34.77
C ASP A 417 4.99 16.79 -33.40
N TYR A 418 4.26 17.20 -32.38
CA TYR A 418 4.79 17.21 -31.03
C TYR A 418 5.22 15.83 -30.60
N VAL A 419 6.39 15.77 -29.99
CA VAL A 419 6.91 14.54 -29.44
C VAL A 419 7.00 14.73 -27.92
N ALA A 420 6.22 13.95 -27.16
CA ALA A 420 6.24 14.07 -25.71
C ALA A 420 7.65 13.82 -25.22
N PRO A 421 8.10 14.59 -24.22
CA PRO A 421 9.47 14.38 -23.75
C PRO A 421 9.68 13.00 -23.16
N ASP A 422 10.94 12.60 -23.13
CA ASP A 422 11.29 11.31 -22.58
C ASP A 422 11.35 11.39 -21.08
N PHE A 423 11.08 10.25 -20.46
CA PHE A 423 11.03 10.19 -19.01
C PHE A 423 11.63 8.86 -18.55
N GLU A 424 12.80 8.57 -19.10
CA GLU A 424 13.39 7.26 -18.93
C GLU A 424 14.29 7.15 -17.71
N THR A 425 14.53 8.27 -17.03
CA THR A 425 15.19 8.22 -15.74
C THR A 425 14.33 8.93 -14.73
N LYS A 426 14.51 8.56 -13.47
CA LYS A 426 13.76 9.17 -12.39
C LYS A 426 13.99 10.66 -12.36
N GLU A 427 15.24 11.08 -12.59
CA GLU A 427 15.56 12.49 -12.57
C GLU A 427 14.82 13.26 -13.65
N LYS A 428 14.83 12.72 -14.87
CA LYS A 428 14.15 13.37 -15.97
C LYS A 428 12.65 13.40 -15.72
N ALA A 429 12.11 12.28 -15.23
CA ALA A 429 10.68 12.23 -14.94
C ALA A 429 10.27 13.19 -13.83
N GLN A 430 11.09 13.27 -12.78
CA GLN A 430 10.77 14.16 -11.68
C GLN A 430 10.85 15.62 -12.09
N LYS A 431 11.73 15.93 -13.03
CA LYS A 431 11.74 17.28 -13.58
C LYS A 431 10.43 17.59 -14.29
N LEU A 432 9.95 16.65 -15.12
CA LEU A 432 8.67 16.85 -15.79
C LEU A 432 7.53 16.98 -14.82
N ALA A 433 7.63 16.26 -13.69
CA ALA A 433 6.59 16.28 -12.68
C ALA A 433 6.78 17.42 -11.68
N LYS A 434 7.85 18.21 -11.88
CA LYS A 434 8.18 19.36 -11.03
C LYS A 434 8.33 18.96 -9.57
N VAL A 435 9.05 17.87 -9.34
CA VAL A 435 9.31 17.41 -8.00
C VAL A 435 10.73 17.81 -7.61
N ASP A 436 10.82 18.70 -6.62
CA ASP A 436 12.11 19.14 -6.10
C ASP A 436 12.49 18.19 -4.98
N MET A 437 12.99 17.04 -5.38
CA MET A 437 13.19 15.95 -4.43
C MET A 437 14.28 16.35 -3.42
N GLU A 438 15.30 17.07 -3.89
CA GLU A 438 16.36 17.57 -3.01
C GLU A 438 15.81 18.41 -1.85
N ALA A 439 14.87 19.31 -2.14
CA ALA A 439 14.25 20.12 -1.11
C ALA A 439 13.43 19.27 -0.15
N PHE A 440 12.69 18.31 -0.72
CA PHE A 440 11.90 17.42 0.13
C PHE A 440 12.78 16.59 1.06
N ILE A 441 13.88 16.09 0.52
CA ILE A 441 14.82 15.32 1.32
C ILE A 441 15.41 16.17 2.44
N ALA A 442 15.83 17.38 2.11
CA ALA A 442 16.44 18.23 3.13
C ALA A 442 15.48 18.48 4.30
N GLU A 443 14.23 18.79 3.96
CA GLU A 443 13.17 19.02 4.92
C GLU A 443 12.92 17.76 5.75
N LYS A 444 12.89 16.62 5.07
CA LYS A 444 12.62 15.36 5.73
C LYS A 444 13.71 15.05 6.74
N LEU A 445 14.97 15.27 6.36
CA LEU A 445 16.08 14.97 7.27
C LEU A 445 15.99 15.81 8.52
N LYS A 446 15.63 17.08 8.37
CA LYS A 446 15.46 17.97 9.51
C LYS A 446 14.37 17.44 10.43
N PHE A 447 13.25 17.00 9.86
CA PHE A 447 12.19 16.37 10.65
C PHE A 447 12.68 15.13 11.40
N LYS A 448 13.41 14.29 10.70
CA LYS A 448 13.87 13.04 11.31
C LYS A 448 14.83 13.32 12.43
N GLN A 449 15.64 14.36 12.28
CA GLN A 449 16.69 14.65 13.24
C GLN A 449 16.14 15.33 14.47
N THR A 450 14.94 15.88 14.36
CA THR A 450 14.33 16.66 15.43
C THR A 450 13.06 15.99 15.92
N LEU A 451 11.93 16.29 15.28
CA LEU A 451 10.64 15.82 15.77
C LEU A 451 10.55 14.30 15.87
N GLU A 452 11.03 13.58 14.86
CA GLU A 452 10.94 12.13 14.93
C GLU A 452 11.65 11.62 16.17
N GLN A 453 12.81 12.19 16.48
CA GLN A 453 13.57 11.67 17.61
C GLN A 453 12.85 12.01 18.90
N GLU A 454 12.15 13.15 18.92
CA GLU A 454 11.33 13.51 20.07
C GLU A 454 10.18 12.54 20.23
N TRP A 455 9.56 12.14 19.12
CA TRP A 455 8.49 11.17 19.16
C TRP A 455 8.96 9.87 19.81
N LYS A 456 10.08 9.36 19.34
CA LYS A 456 10.62 8.10 19.86
C LYS A 456 11.03 8.25 21.31
N LYS A 457 11.67 9.37 21.66
CA LYS A 457 12.06 9.59 23.05
CA LYS A 457 12.07 9.64 23.04
C LYS A 457 10.85 9.62 23.96
N GLN A 458 9.79 10.31 23.54
CA GLN A 458 8.59 10.41 24.36
C GLN A 458 7.88 9.07 24.48
N ALA A 459 7.78 8.34 23.38
CA ALA A 459 7.16 7.02 23.39
C ALA A 459 7.91 6.04 24.28
N ILE A 460 9.23 6.11 24.27
CA ILE A 460 10.06 5.27 25.16
C ILE A 460 9.83 5.68 26.59
N ALA A 461 9.83 6.98 26.86
CA ALA A 461 9.63 7.45 28.23
C ALA A 461 8.28 6.99 28.78
N LYS A 462 7.24 7.06 27.94
CA LYS A 462 5.89 6.67 28.35
C LYS A 462 5.71 5.17 28.44
N GLY A 463 6.66 4.41 27.92
CA GLY A 463 6.54 2.95 27.89
C GLY A 463 5.69 2.40 26.75
N ARG A 464 5.51 3.18 25.69
CA ARG A 464 4.78 2.73 24.51
C ARG A 464 5.69 2.05 23.52
N LEU A 465 6.99 2.30 23.63
CA LEU A 465 7.97 1.85 22.67
C LEU A 465 9.14 1.26 23.44
N ASN A 466 9.57 0.09 23.01
CA ASN A 466 10.75 -0.59 23.53
C ASN A 466 11.89 -0.32 22.55
N PRO A 467 13.00 0.29 23.00
CA PRO A 467 14.06 0.59 22.04
C PRO A 467 14.61 -0.64 21.33
N GLU A 468 14.38 -1.82 21.88
CA GLU A 468 14.82 -3.05 21.23
C GLU A 468 14.21 -3.17 19.83
N SER A 469 12.99 -2.67 19.68
CA SER A 469 12.30 -2.78 18.40
C SER A 469 12.94 -1.89 17.32
N LEU A 470 13.79 -0.96 17.72
CA LEU A 470 14.36 0.01 16.78
C LEU A 470 15.66 -0.48 16.17
N LYS A 471 16.14 -1.64 16.63
CA LYS A 471 17.43 -2.12 16.16
C LYS A 471 17.44 -2.26 14.65
N GLY A 472 18.33 -1.51 14.00
CA GLY A 472 18.52 -1.60 12.56
C GLY A 472 17.33 -1.14 11.75
N VAL A 473 16.36 -0.52 12.41
CA VAL A 473 15.10 -0.21 11.73
C VAL A 473 15.22 0.99 10.82
N ASP A 474 16.19 1.88 11.10
CA ASP A 474 16.29 3.14 10.37
C ASP A 474 17.63 3.33 9.69
N GLU A 475 18.11 2.28 9.05
CA GLU A 475 19.36 2.34 8.32
C GLU A 475 19.19 2.74 6.86
N LYS A 476 17.99 2.55 6.31
CA LYS A 476 17.83 2.73 4.87
C LYS A 476 16.52 3.38 4.55
N SER A 477 16.54 4.21 3.50
CA SER A 477 15.33 4.73 2.89
C SER A 477 15.69 4.83 1.41
N SER A 478 14.84 5.46 0.60
CA SER A 478 15.24 5.69 -0.79
C SER A 478 16.29 6.78 -0.91
N TYR A 479 16.53 7.54 0.17
CA TYR A 479 17.42 8.72 0.09
C TYR A 479 18.60 8.66 1.04
N TYR A 480 18.72 7.59 1.82
CA TYR A 480 19.97 7.33 2.53
C TYR A 480 20.12 5.84 2.74
N ASP A 481 21.36 5.44 2.98
CA ASP A 481 21.65 4.05 3.26
C ASP A 481 22.90 4.06 4.12
N LYS A 482 22.70 3.84 5.41
CA LYS A 482 23.81 3.82 6.38
C LYS A 482 24.66 2.56 6.22
N THR A 483 24.13 1.66 5.39
CA THR A 483 24.82 0.51 4.77
C THR A 483 24.81 -0.77 5.61
N LYS A 484 23.93 -0.83 6.60
CA LYS A 484 24.04 -1.86 7.65
C LYS A 484 22.86 -2.81 7.80
N LYS A 485 21.68 -2.37 7.34
CA LYS A 485 20.39 -2.91 7.76
C LYS A 485 20.31 -4.43 7.95
CA CA B . -6.81 3.99 -3.75
S SO3 C . 0.41 2.71 1.19
O1 SO3 C . 0.93 3.99 0.75
O2 SO3 C . -0.99 2.49 0.80
O3 SO3 C . 1.00 1.73 0.25
S SO4 D . -5.80 -15.75 -12.94
O1 SO4 D . -5.90 -14.28 -12.91
O2 SO4 D . -4.88 -16.17 -13.98
O3 SO4 D . -5.31 -16.31 -11.68
O4 SO4 D . -7.09 -16.36 -13.22
Y Y1 E . 4.15 -8.82 30.22
Y Y1 F . 10.00 -7.01 -0.89
Y Y1 G . -2.44 -19.18 -15.51
C ACT H . -17.82 5.39 9.66
O ACT H . -17.77 5.24 10.92
OXT ACT H . -17.12 6.31 9.19
CH3 ACT H . -18.66 4.50 8.80
C ACT I . -0.28 -10.46 30.91
O ACT I . 0.69 -10.99 30.30
OXT ACT I . -0.34 -9.21 30.90
CH3 ACT I . -1.24 -11.30 31.71
C ACT J . -21.44 -7.04 -5.25
O ACT J . -21.81 -6.06 -4.56
OXT ACT J . -20.33 -7.54 -4.98
CH3 ACT J . -22.28 -7.57 -6.37
CHA HEM K . 3.35 0.17 2.04
CHB HEM K . 3.07 4.71 3.61
CHC HEM K . -1.72 4.22 3.92
CHD HEM K . -1.19 -0.52 3.54
C1A HEM K . 3.68 1.44 2.43
C2A HEM K . 5.01 1.99 2.37
C3A HEM K . 4.93 3.25 2.82
C4A HEM K . 3.55 3.53 3.13
CMA HEM K . 6.07 4.27 2.93
CAA HEM K . 6.23 1.22 1.91
CBA HEM K . 6.33 1.14 0.39
CGA HEM K . 6.43 2.52 -0.22
O1A HEM K . 7.52 3.14 -0.08
O2A HEM K . 5.40 3.00 -0.80
C1B HEM K . 1.74 4.99 3.72
C2B HEM K . 1.18 6.30 3.79
C3B HEM K . -0.15 6.17 3.87
C4B HEM K . -0.47 4.75 3.82
CMB HEM K . 2.02 7.60 3.79
CAB HEM K . -1.23 7.25 3.89
CBB HEM K . -1.52 7.80 2.65
C1C HEM K . -1.98 2.88 3.95
C2C HEM K . -3.23 2.27 4.36
C3C HEM K . -3.07 0.94 4.24
C4C HEM K . -1.73 0.69 3.77
CMC HEM K . -4.47 3.03 4.81
CAC HEM K . -4.07 -0.19 4.55
CBC HEM K . -5.39 -0.12 4.23
C1D HEM K . 0.04 -0.75 3.01
C2D HEM K . 0.49 -2.02 2.54
C3D HEM K . 1.87 -1.81 2.05
C4D HEM K . 2.14 -0.42 2.26
CMD HEM K . -0.31 -3.33 2.57
CAD HEM K . 2.77 -2.88 1.45
CBD HEM K . 2.33 -3.27 0.04
CGD HEM K . 2.83 -2.34 -1.03
O1D HEM K . 3.56 -1.36 -0.72
O2D HEM K . 2.48 -2.60 -2.21
NA HEM K . 2.81 2.39 2.89
NB HEM K . 0.72 4.06 3.74
NC HEM K . -1.08 1.89 3.64
ND HEM K . 1.04 0.20 2.83
FE HEM K . 0.87 2.15 3.26
CHA HEM L . -0.99 -18.32 13.94
CHB HEM L . 0.90 -15.90 17.65
CHC HEM L . 1.82 -12.22 14.69
CHD HEM L . -1.37 -14.08 11.59
C1A HEM L . -0.57 -18.01 15.20
C2A HEM L . -0.59 -18.88 16.35
C3A HEM L . -0.07 -18.19 17.37
C4A HEM L . 0.32 -16.89 16.91
CMA HEM L . 0.13 -18.68 18.81
CAA HEM L . -1.17 -20.32 16.36
CBA HEM L . -0.07 -21.36 16.22
CGA HEM L . 0.58 -21.28 14.87
O1A HEM L . 1.81 -20.98 14.83
O2A HEM L . -0.09 -21.54 13.84
C1B HEM L . 1.41 -14.74 17.14
C2B HEM L . 2.33 -13.85 17.81
C3B HEM L . 2.59 -12.85 16.97
C4B HEM L . 1.83 -13.05 15.77
CMB HEM L . 2.89 -14.09 19.24
CAB HEM L . 3.53 -11.64 17.21
CBB HEM L . 4.83 -11.88 17.44
C1C HEM L . 0.94 -12.32 13.65
C2C HEM L . 0.56 -11.29 12.71
C3C HEM L . -0.32 -11.84 11.85
C4C HEM L . -0.54 -13.20 12.24
CMC HEM L . 1.11 -9.85 12.69
CAC HEM L . -1.06 -11.16 10.67
CBC HEM L . -0.42 -10.48 9.71
C1D HEM L . -1.46 -15.42 11.88
C2D HEM L . -2.03 -16.39 11.00
C3D HEM L . -1.90 -17.69 11.74
C4D HEM L . -1.27 -17.38 12.98
CMD HEM L . -2.69 -16.20 9.62
CAD HEM L . -2.38 -19.07 11.28
CBD HEM L . -3.69 -19.34 12.00
CGD HEM L . -4.12 -20.75 11.69
O1D HEM L . -3.66 -21.31 10.67
O2D HEM L . -4.90 -21.29 12.51
NA HEM L . -0.01 -16.81 15.56
NB HEM L . 1.13 -14.23 15.89
NC HEM L . 0.26 -13.48 13.33
ND HEM L . -0.99 -16.02 13.03
FE HEM L . 0.13 -15.15 14.45
CHA HEM M . 4.78 -5.97 3.47
CHB HEM M . 2.29 -10.07 3.02
CHC HEM M . -0.48 -8.84 6.77
CHD HEM M . 0.99 -4.29 6.05
C1A HEM M . 4.44 -7.25 3.15
C2A HEM M . 5.20 -8.14 2.32
C3A HEM M . 4.49 -9.26 2.20
C4A HEM M . 3.28 -9.11 2.95
CMA HEM M . 4.86 -10.53 1.41
CAA HEM M . 6.59 -7.85 1.73
CBA HEM M . 7.59 -8.59 2.63
CGA HEM M . 9.00 -8.51 2.14
O1A HEM M . 9.31 -7.75 1.19
O2A HEM M . 9.85 -9.21 2.74
C1B HEM M . 1.37 -10.12 4.02
C2B HEM M . 0.55 -11.26 4.34
C3B HEM M . -0.21 -10.93 5.39
C4B HEM M . 0.09 -9.56 5.76
CMB HEM M . 0.62 -12.59 3.55
CAB HEM M . -1.20 -11.81 6.18
CBB HEM M . -0.70 -12.92 6.78
C1C HEM M . -0.35 -7.48 6.89
C2C HEM M . -1.09 -6.63 7.79
C3C HEM M . -0.69 -5.36 7.59
C4C HEM M . 0.33 -5.38 6.57
CMC HEM M . -2.17 -7.15 8.76
CAC HEM M . -1.17 -4.08 8.30
CBC HEM M . -1.26 -4.06 9.66
C1D HEM M . 2.13 -4.35 5.30
C2D HEM M . 2.96 -3.21 5.04
C3D HEM M . 4.14 -3.71 4.29
C4D HEM M . 3.92 -5.13 4.11
CMD HEM M . 2.76 -1.77 5.49
CAD HEM M . 5.30 -2.88 3.79
CBD HEM M . 6.34 -2.81 4.91
CGD HEM M . 7.48 -1.94 4.48
O1D HEM M . 7.80 -1.81 3.27
O2D HEM M . 8.09 -1.36 5.40
NA HEM M . 3.26 -7.87 3.53
NB HEM M . 1.06 -9.11 4.90
NC HEM M . 0.51 -6.69 6.16
ND HEM M . 2.72 -5.47 4.74
FE HEM M . 1.89 -7.28 4.87
CHA HEM N . 4.12 -11.83 -3.60
CHB HEM N . 0.83 -10.66 -0.27
CHC HEM N . -1.50 -14.74 -1.40
CHD HEM N . 2.62 -16.44 -3.23
C1A HEM N . 3.38 -11.12 -2.69
C2A HEM N . 3.60 -9.73 -2.33
C3A HEM N . 2.68 -9.42 -1.42
C4A HEM N . 1.87 -10.58 -1.16
CMA HEM N . 2.51 -8.05 -0.73
CAA HEM N . 4.69 -8.84 -2.93
CBA HEM N . 5.95 -9.01 -2.09
CGA HEM N . 7.01 -7.96 -2.39
O1A HEM N . 8.04 -7.93 -1.66
O2A HEM N . 6.86 -7.15 -3.32
C1B HEM N . -0.10 -11.65 -0.34
C2B HEM N . -1.44 -11.56 0.20
C3B HEM N . -2.08 -12.68 -0.14
C4B HEM N . -1.18 -13.50 -0.90
CMB HEM N . -1.96 -10.39 1.02
CAB HEM N . -3.52 -13.04 0.15
CBB HEM N . -4.38 -12.09 -0.27
C1C HEM N . -0.56 -15.58 -1.92
C2C HEM N . -0.74 -16.98 -2.21
C3C HEM N . 0.40 -17.45 -2.69
C4C HEM N . 1.35 -16.37 -2.75
CMC HEM N . -2.06 -17.76 -1.92
CAC HEM N . 0.72 -18.89 -3.16
CBC HEM N . -0.11 -19.56 -3.99
C1D HEM N . 3.35 -15.33 -3.61
C2D HEM N . 4.47 -15.36 -4.50
C3D HEM N . 4.93 -13.92 -4.64
C4D HEM N . 4.05 -13.18 -3.79
CMD HEM N . 5.08 -16.58 -5.22
CAD HEM N . 6.09 -13.40 -5.50
CBD HEM N . 7.37 -13.33 -4.69
CGD HEM N . 7.45 -12.07 -3.85
O1D HEM N . 7.44 -10.95 -4.44
O2D HEM N . 7.55 -12.16 -2.60
NA HEM N . 2.33 -11.60 -1.96
NB HEM N . 0.01 -12.84 -1.02
NC HEM N . 0.73 -15.25 -2.25
ND HEM N . 3.11 -14.02 -3.20
FE HEM N . 1.54 -13.45 -2.09
CHA HEM O . -1.81 -23.54 -9.64
CHB HEM O . 2.67 -22.12 -8.51
CHC HEM O . 1.50 -22.67 -3.84
CHD HEM O . -2.29 -25.32 -5.14
C1A HEM O . -0.54 -23.05 -9.75
C2A HEM O . 0.10 -22.53 -10.95
C3A HEM O . 1.34 -22.16 -10.63
C4A HEM O . 1.52 -22.40 -9.22
CMA HEM O . 2.42 -21.55 -11.54
CAA HEM O . -0.56 -22.45 -12.34
CBA HEM O . -1.67 -21.40 -12.19
CGA HEM O . -1.25 -20.11 -12.79
O1A HEM O . -1.30 -20.05 -14.02
O2A HEM O . -0.86 -19.14 -12.09
C1B HEM O . 2.73 -22.10 -7.13
C2B HEM O . 3.82 -21.57 -6.34
C3B HEM O . 3.48 -21.73 -5.05
C4B HEM O . 2.18 -22.34 -5.00
CMB HEM O . 5.12 -20.95 -6.90
CAB HEM O . 4.26 -21.30 -3.80
CBB HEM O . 4.57 -20.00 -3.63
C1C HEM O . 0.40 -23.47 -3.77
C2C HEM O . -0.21 -24.01 -2.57
C3C HEM O . -1.28 -24.74 -2.93
C4C HEM O . -1.35 -24.69 -4.37
CMC HEM O . 0.30 -23.76 -1.13
CAC HEM O . -2.28 -25.54 -2.03
CBC HEM O . -2.56 -25.23 -0.76
C1D HEM O . -2.57 -25.01 -6.44
C2D HEM O . -3.80 -25.37 -7.11
C3D HEM O . -3.65 -24.81 -8.52
C4D HEM O . -2.35 -24.18 -8.55
CMD HEM O . -4.99 -26.15 -6.51
CAD HEM O . -4.67 -24.90 -9.66
CBD HEM O . -4.23 -25.99 -10.63
CGD HEM O . -4.55 -27.32 -10.03
O1D HEM O . -5.75 -27.59 -9.74
O2D HEM O . -3.60 -28.11 -9.83
NA HEM O . 0.36 -22.93 -8.71
NB HEM O . 1.74 -22.54 -6.29
NC HEM O . -0.32 -23.90 -4.85
ND HEM O . -1.74 -24.30 -7.30
FE HEM O . 0.00 -23.41 -6.77
#